data_1RH7
#
_entry.id   1RH7
#
_cell.length_a   57.604
_cell.length_b   86.016
_cell.length_c   283.406
_cell.angle_alpha   90.00
_cell.angle_beta   90.00
_cell.angle_gamma   90.00
#
_symmetry.space_group_name_H-M   'I 2 2 2'
#
loop_
_entity.id
_entity.type
_entity.pdbx_description
1 polymer 'Resistin-like beta'
2 non-polymer 'PLATINUM (II) ION'
3 non-polymer 'HEXAETHYLENE GLYCOL'
4 water water
#
_entity_poly.entity_id   1
_entity_poly.type   'polypeptide(L)'
_entity_poly.pdbx_seq_one_letter_code
;CSFESLVDQRIKEALSRQEPKTISCTSVTSSGRLASCPAGMVVTGCACGYGCGSWDIRNGNTCHCQCSVMDWASARCCRM
A
;
_entity_poly.pdbx_strand_id   A,B,C,D,E,F
#
loop_
_chem_comp.id
_chem_comp.type
_chem_comp.name
_chem_comp.formula
P6G non-polymer 'HEXAETHYLENE GLYCOL' 'C12 H26 O7'
PT non-polymer 'PLATINUM (II) ION' 'Pt 2'
#
# COMPACT_ATOMS: atom_id res chain seq x y z
N CYS A 1 7.23 -3.26 -7.08
CA CYS A 1 7.04 -2.61 -8.40
C CYS A 1 5.62 -2.24 -8.82
N SER A 2 4.67 -2.31 -7.88
CA SER A 2 3.24 -2.10 -8.17
C SER A 2 2.42 -2.61 -6.99
N PHE A 3 1.31 -1.93 -6.67
CA PHE A 3 0.77 -1.97 -5.31
C PHE A 3 -0.51 -2.78 -5.03
N GLU A 4 -0.80 -3.78 -5.87
CA GLU A 4 -1.61 -4.90 -5.43
C GLU A 4 -0.63 -5.97 -4.96
N SER A 5 0.51 -6.03 -5.64
CA SER A 5 1.54 -7.04 -5.40
C SER A 5 2.24 -6.91 -4.05
N LEU A 6 2.66 -5.70 -3.69
CA LEU A 6 3.34 -5.48 -2.39
C LEU A 6 2.65 -6.31 -1.31
N VAL A 7 1.34 -6.47 -1.48
CA VAL A 7 0.50 -7.22 -0.56
C VAL A 7 0.87 -8.71 -0.57
N ASP A 8 0.68 -9.38 -1.70
CA ASP A 8 0.85 -10.85 -1.76
C ASP A 8 2.31 -11.29 -1.60
N GLN A 9 3.25 -10.37 -1.83
CA GLN A 9 4.66 -10.63 -1.51
C GLN A 9 4.84 -10.82 0.00
N ARG A 10 3.77 -10.57 0.77
CA ARG A 10 3.69 -10.91 2.18
C ARG A 10 2.77 -12.11 2.41
N ILE A 11 1.61 -12.08 1.76
CA ILE A 11 0.68 -13.21 1.79
C ILE A 11 1.41 -14.47 1.35
N LYS A 12 1.62 -14.60 0.04
CA LYS A 12 2.34 -15.73 -0.54
C LYS A 12 3.81 -15.78 -0.12
N GLU A 13 4.12 -15.25 1.07
CA GLU A 13 5.42 -15.44 1.69
C GLU A 13 5.38 -15.38 3.23
N ALA A 14 4.20 -15.58 3.81
CA ALA A 14 4.07 -16.02 5.20
C ALA A 14 3.40 -17.41 5.22
N LEU A 15 2.68 -17.72 4.15
CA LEU A 15 2.25 -19.07 3.86
C LEU A 15 3.42 -20.05 3.84
N SER A 16 4.49 -19.67 3.17
CA SER A 16 5.68 -20.51 3.11
C SER A 16 6.42 -20.56 4.45
N ARG A 17 6.35 -19.45 5.20
CA ARG A 17 6.97 -19.38 6.52
C ARG A 17 6.07 -19.95 7.63
N GLN A 18 4.99 -20.66 7.25
CA GLN A 18 3.85 -20.90 8.15
C GLN A 18 4.14 -21.88 9.29
N GLU A 19 3.57 -23.09 9.23
CA GLU A 19 3.81 -24.15 10.20
C GLU A 19 3.42 -25.54 9.66
N PRO A 20 3.70 -25.81 8.37
CA PRO A 20 3.26 -27.04 7.69
C PRO A 20 2.91 -28.27 8.53
N LYS A 21 1.67 -28.71 8.34
CA LYS A 21 1.02 -29.71 9.18
C LYS A 21 1.50 -31.11 8.81
N THR A 22 1.51 -32.01 9.80
CA THR A 22 2.18 -33.31 9.64
C THR A 22 1.43 -34.43 10.37
N ILE A 23 1.53 -35.65 9.86
CA ILE A 23 0.94 -36.80 10.54
C ILE A 23 1.88 -37.31 11.61
N SER A 24 1.31 -37.70 12.74
CA SER A 24 2.03 -38.51 13.72
C SER A 24 1.23 -39.77 14.06
N CYS A 25 1.94 -40.85 14.33
CA CYS A 25 1.31 -42.10 14.70
C CYS A 25 1.97 -42.73 15.90
N THR A 26 1.28 -43.71 16.48
CA THR A 26 1.78 -44.40 17.65
C THR A 26 0.89 -45.59 18.03
N SER A 27 1.51 -46.63 18.59
CA SER A 27 0.78 -47.84 18.92
C SER A 27 0.32 -47.81 20.37
N VAL A 28 -0.83 -48.41 20.63
CA VAL A 28 -1.27 -48.70 22.00
C VAL A 28 -1.54 -50.18 22.10
N THR A 29 -0.95 -50.81 23.11
CA THR A 29 -1.01 -52.24 23.28
C THR A 29 -1.49 -52.56 24.67
N SER A 30 -2.38 -53.56 24.76
CA SER A 30 -3.00 -53.93 26.01
C SER A 30 -3.23 -55.42 26.04
N SER A 31 -3.11 -56.01 27.22
CA SER A 31 -3.43 -57.42 27.37
C SER A 31 -4.90 -57.58 27.05
N GLY A 32 -5.28 -58.79 26.70
CA GLY A 32 -6.67 -59.07 26.31
C GLY A 32 -6.86 -58.95 24.82
N ARG A 33 -8.08 -58.62 24.41
CA ARG A 33 -8.43 -58.56 22.99
C ARG A 33 -8.87 -57.16 22.57
N LEU A 34 -8.63 -56.18 23.43
CA LEU A 34 -8.99 -54.81 23.14
C LEU A 34 -7.83 -53.87 23.31
N ALA A 35 -7.93 -52.77 22.61
CA ALA A 35 -6.88 -51.78 22.62
C ALA A 35 -7.50 -50.52 22.09
N SER A 36 -7.09 -49.40 22.66
CA SER A 36 -7.81 -48.15 22.48
C SER A 36 -6.85 -47.02 22.16
N CYS A 37 -7.21 -46.19 21.19
CA CYS A 37 -6.46 -44.99 20.95
C CYS A 37 -6.93 -43.92 21.90
N PRO A 38 -6.05 -42.99 22.26
CA PRO A 38 -6.47 -41.85 23.07
C PRO A 38 -7.35 -40.93 22.25
N ALA A 39 -7.99 -39.97 22.91
CA ALA A 39 -8.81 -39.01 22.18
C ALA A 39 -7.92 -38.07 21.38
N GLY A 40 -8.38 -37.73 20.18
CA GLY A 40 -7.63 -36.87 19.28
C GLY A 40 -6.90 -37.68 18.23
N MET A 41 -7.16 -38.97 18.18
CA MET A 41 -6.48 -39.86 17.25
C MET A 41 -7.45 -40.79 16.55
N VAL A 42 -7.18 -40.99 15.27
CA VAL A 42 -7.89 -42.00 14.50
C VAL A 42 -7.11 -43.31 14.55
N VAL A 43 -7.86 -44.41 14.47
CA VAL A 43 -7.31 -45.75 14.44
C VAL A 43 -7.10 -46.03 12.95
N THR A 44 -5.88 -46.41 12.57
CA THR A 44 -5.58 -46.70 11.17
C THR A 44 -5.42 -48.19 10.93
N GLY A 45 -5.60 -48.98 11.99
CA GLY A 45 -5.34 -50.42 11.95
C GLY A 45 -5.13 -51.02 13.34
N CYS A 46 -5.14 -52.35 13.40
CA CYS A 46 -4.92 -53.09 14.65
C CYS A 46 -3.94 -54.23 14.48
N ALA A 47 -3.26 -54.61 15.56
CA ALA A 47 -2.54 -55.90 15.61
C ALA A 47 -3.14 -56.82 16.67
N CYS A 48 -2.92 -58.12 16.54
CA CYS A 48 -3.39 -59.10 17.53
C CYS A 48 -2.38 -60.18 17.79
N GLY A 49 -2.56 -60.83 18.94
CA GLY A 49 -1.71 -61.94 19.32
C GLY A 49 -2.22 -63.17 18.63
N TYR A 50 -1.53 -64.29 18.81
CA TYR A 50 -1.92 -65.52 18.16
C TYR A 50 -2.10 -65.32 16.66
N GLY A 51 -1.52 -64.24 16.15
CA GLY A 51 -1.52 -63.94 14.72
C GLY A 51 -2.90 -63.76 14.09
N CYS A 52 -3.67 -62.79 14.58
CA CYS A 52 -4.96 -62.45 13.98
C CYS A 52 -4.93 -61.34 12.96
N GLY A 53 -5.38 -61.69 11.76
CA GLY A 53 -5.78 -60.73 10.79
C GLY A 53 -7.20 -60.26 11.00
N SER A 54 -7.98 -61.01 11.78
CA SER A 54 -9.40 -60.68 11.99
C SER A 54 -9.54 -59.74 13.16
N TRP A 55 -9.93 -58.51 12.87
CA TRP A 55 -10.15 -57.49 13.88
C TRP A 55 -11.07 -56.42 13.36
N ASP A 56 -11.71 -55.71 14.27
CA ASP A 56 -12.57 -54.60 13.89
C ASP A 56 -12.51 -53.46 14.89
N ILE A 57 -12.96 -52.29 14.44
CA ILE A 57 -12.81 -51.06 15.22
C ILE A 57 -14.17 -50.53 15.66
N ARG A 58 -14.31 -50.37 16.97
CA ARG A 58 -15.57 -49.94 17.60
C ARG A 58 -15.49 -48.59 18.26
N ASN A 59 -16.63 -47.89 18.22
CA ASN A 59 -16.79 -46.60 18.87
C ASN A 59 -15.75 -45.59 18.39
N GLY A 60 -15.11 -45.92 17.27
CA GLY A 60 -14.14 -45.05 16.64
C GLY A 60 -12.75 -45.07 17.25
N ASN A 61 -12.52 -45.96 18.22
CA ASN A 61 -11.30 -45.87 19.02
C ASN A 61 -10.80 -47.17 19.61
N THR A 62 -11.48 -48.27 19.33
CA THR A 62 -11.18 -49.51 20.00
C THR A 62 -10.95 -50.66 19.02
N CYS A 63 -9.74 -51.17 19.03
CA CYS A 63 -9.42 -52.39 18.33
C CYS A 63 -9.98 -53.58 19.10
N HIS A 64 -10.86 -54.32 18.43
CA HIS A 64 -11.38 -55.55 18.96
C HIS A 64 -10.75 -56.69 18.17
N CYS A 65 -9.73 -57.29 18.72
CA CYS A 65 -9.23 -58.54 18.17
C CYS A 65 -10.30 -59.59 18.40
N GLN A 66 -10.57 -60.36 17.35
CA GLN A 66 -11.76 -61.17 17.33
C GLN A 66 -11.50 -62.56 16.84
N CYS A 67 -10.47 -63.17 17.38
CA CYS A 67 -10.24 -64.57 17.13
C CYS A 67 -10.78 -65.26 18.36
N SER A 68 -10.11 -66.23 18.92
CA SER A 68 -10.78 -66.93 20.03
C SER A 68 -9.95 -66.92 21.30
N VAL A 69 -8.73 -67.39 21.20
CA VAL A 69 -7.82 -67.27 22.32
C VAL A 69 -7.13 -65.97 22.00
N MET A 70 -7.08 -65.06 22.96
CA MET A 70 -6.43 -63.80 22.69
C MET A 70 -5.55 -63.17 23.79
N ASP A 71 -4.26 -63.47 23.67
CA ASP A 71 -3.16 -62.79 24.32
C ASP A 71 -3.37 -61.31 24.64
N TRP A 72 -3.22 -60.51 23.60
CA TRP A 72 -3.01 -59.06 23.68
C TRP A 72 -3.52 -58.45 22.41
N ALA A 73 -3.68 -57.14 22.43
CA ALA A 73 -4.20 -56.43 21.28
C ALA A 73 -3.48 -55.11 21.09
N SER A 74 -3.55 -54.59 19.88
CA SER A 74 -2.86 -53.36 19.54
C SER A 74 -3.72 -52.52 18.64
N ALA A 75 -3.69 -51.22 18.88
CA ALA A 75 -4.26 -50.25 17.98
C ALA A 75 -3.12 -49.40 17.43
N ARG A 76 -3.26 -48.92 16.19
CA ARG A 76 -2.34 -47.91 15.69
C ARG A 76 -3.11 -46.60 15.59
N CYS A 77 -2.53 -45.53 16.11
CA CYS A 77 -3.24 -44.29 16.33
C CYS A 77 -2.53 -43.18 15.62
N CYS A 78 -3.27 -42.27 14.99
CA CYS A 78 -2.68 -41.15 14.28
C CYS A 78 -3.43 -39.86 14.46
N ARG A 79 -2.67 -38.77 14.37
CA ARG A 79 -3.20 -37.43 14.48
C ARG A 79 -2.32 -36.52 13.66
N MET A 80 -2.81 -35.28 13.47
CA MET A 80 -2.06 -34.25 12.80
C MET A 80 -1.28 -33.53 13.89
N ALA A 81 0.02 -33.41 13.69
CA ALA A 81 0.88 -32.71 14.62
C ALA A 81 1.44 -31.45 13.94
N CYS B 1 -14.05 -0.57 -1.83
CA CYS B 1 -13.85 0.82 -1.31
C CYS B 1 -13.55 0.84 0.19
N SER B 2 -12.26 0.63 0.51
CA SER B 2 -11.69 0.69 1.87
C SER B 2 -10.32 0.00 1.90
N PHE B 3 -9.38 0.56 2.66
CA PHE B 3 -7.98 0.10 2.63
C PHE B 3 -7.81 -1.31 3.20
N GLU B 4 -8.14 -1.47 4.48
CA GLU B 4 -8.05 -2.77 5.16
C GLU B 4 -8.96 -3.85 4.53
N SER B 5 -9.82 -3.45 3.60
CA SER B 5 -10.72 -4.37 2.90
C SER B 5 -10.04 -5.00 1.71
N LEU B 6 -9.49 -4.17 0.83
CA LEU B 6 -8.70 -4.64 -0.32
C LEU B 6 -7.72 -5.71 0.12
N VAL B 7 -7.10 -5.50 1.28
CA VAL B 7 -6.12 -6.44 1.84
C VAL B 7 -6.76 -7.78 2.18
N ASP B 8 -8.00 -7.75 2.66
CA ASP B 8 -8.70 -8.97 3.04
C ASP B 8 -9.12 -9.81 1.85
N GLN B 9 -9.85 -9.23 0.90
CA GLN B 9 -10.25 -10.00 -0.28
C GLN B 9 -9.00 -10.44 -1.05
N ARG B 10 -7.95 -9.64 -0.94
CA ARG B 10 -6.62 -10.00 -1.45
C ARG B 10 -6.10 -11.32 -0.89
N ILE B 11 -6.47 -11.62 0.35
CA ILE B 11 -6.06 -12.84 1.04
C ILE B 11 -6.99 -13.98 0.66
N LYS B 12 -8.30 -13.76 0.82
CA LYS B 12 -9.33 -14.69 0.34
C LYS B 12 -9.10 -15.07 -1.15
N GLU B 13 -8.24 -14.32 -1.83
CA GLU B 13 -7.70 -14.78 -3.11
C GLU B 13 -6.72 -15.93 -2.86
N ALA B 14 -5.50 -15.63 -2.41
CA ALA B 14 -4.43 -16.63 -2.24
C ALA B 14 -4.86 -17.80 -1.38
N LEU B 15 -5.47 -17.49 -0.24
CA LEU B 15 -6.06 -18.50 0.64
C LEU B 15 -6.97 -19.47 -0.09
N SER B 16 -7.77 -18.96 -1.02
CA SER B 16 -8.72 -19.77 -1.78
C SER B 16 -8.12 -20.43 -3.02
N ARG B 17 -6.80 -20.32 -3.22
CA ARG B 17 -6.16 -20.94 -4.40
C ARG B 17 -4.91 -21.75 -4.11
N GLN B 18 -4.42 -21.71 -2.87
CA GLN B 18 -3.52 -22.75 -2.40
C GLN B 18 -4.37 -24.03 -2.41
N GLU B 19 -3.93 -25.02 -3.17
CA GLU B 19 -4.60 -26.32 -3.19
C GLU B 19 -4.24 -27.03 -1.88
N PRO B 20 -5.22 -27.69 -1.25
CA PRO B 20 -5.03 -28.19 0.10
C PRO B 20 -4.36 -29.56 0.16
N LYS B 21 -3.87 -29.88 1.35
CA LYS B 21 -3.04 -31.05 1.57
C LYS B 21 -3.91 -32.31 1.68
N THR B 22 -3.30 -33.44 1.40
CA THR B 22 -4.01 -34.69 1.24
C THR B 22 -3.13 -35.86 1.63
N ILE B 23 -3.74 -36.99 2.01
CA ILE B 23 -2.97 -38.17 2.38
C ILE B 23 -2.59 -38.97 1.13
N SER B 24 -1.35 -39.43 1.11
CA SER B 24 -0.92 -40.43 0.14
C SER B 24 -0.23 -41.57 0.86
N CYS B 25 -0.68 -42.77 0.55
CA CYS B 25 -0.10 -43.96 1.15
C CYS B 25 0.58 -44.80 0.09
N THR B 26 1.58 -45.57 0.52
CA THR B 26 2.18 -46.60 -0.32
C THR B 26 2.66 -47.73 0.54
N SER B 27 2.89 -48.87 -0.09
CA SER B 27 3.32 -50.06 0.63
C SER B 27 4.79 -50.41 0.41
N VAL B 28 5.42 -50.95 1.45
CA VAL B 28 6.74 -51.53 1.28
C VAL B 28 6.77 -52.94 1.80
N THR B 29 7.02 -53.87 0.89
CA THR B 29 7.23 -55.27 1.19
C THR B 29 8.73 -55.57 1.21
N SER B 30 9.12 -56.40 2.17
CA SER B 30 10.50 -56.88 2.27
C SER B 30 10.50 -58.33 2.68
N SER B 31 11.60 -59.01 2.41
CA SER B 31 11.73 -60.40 2.85
C SER B 31 12.15 -60.41 4.32
N GLY B 32 11.62 -61.38 5.05
CA GLY B 32 11.97 -61.54 6.46
C GLY B 32 10.88 -61.01 7.35
N ARG B 33 11.27 -60.35 8.44
CA ARG B 33 10.32 -59.79 9.40
C ARG B 33 10.29 -58.29 9.41
N LEU B 34 11.32 -57.66 8.82
CA LEU B 34 11.43 -56.21 8.90
C LEU B 34 11.16 -55.56 7.56
N ALA B 35 10.27 -54.57 7.59
CA ALA B 35 9.93 -53.77 6.42
C ALA B 35 9.80 -52.36 6.92
N SER B 36 10.55 -51.44 6.31
CA SER B 36 10.62 -50.07 6.81
C SER B 36 10.06 -49.09 5.81
N CYS B 37 9.42 -48.06 6.33
CA CYS B 37 8.94 -46.97 5.50
C CYS B 37 10.07 -45.97 5.31
N PRO B 38 10.06 -45.27 4.19
CA PRO B 38 11.02 -44.21 3.95
C PRO B 38 10.82 -43.09 4.95
N ALA B 39 11.90 -42.37 5.28
CA ALA B 39 11.76 -41.24 6.19
C ALA B 39 10.86 -40.21 5.53
N GLY B 40 10.02 -39.57 6.33
CA GLY B 40 9.03 -38.62 5.84
C GLY B 40 7.68 -39.27 5.68
N MET B 41 7.55 -40.48 6.22
CA MET B 41 6.31 -41.24 6.12
C MET B 41 6.04 -41.99 7.40
N VAL B 42 4.77 -42.01 7.80
CA VAL B 42 4.34 -42.78 8.95
C VAL B 42 3.91 -44.17 8.52
N VAL B 43 4.03 -45.11 9.45
CA VAL B 43 3.51 -46.45 9.28
C VAL B 43 2.12 -46.47 9.88
N THR B 44 1.12 -46.82 9.07
CA THR B 44 -0.26 -46.90 9.53
C THR B 44 -0.69 -48.33 9.78
N GLY B 45 0.08 -49.28 9.27
CA GLY B 45 -0.22 -50.70 9.47
C GLY B 45 0.88 -51.63 9.00
N CYS B 46 0.68 -52.91 9.27
CA CYS B 46 1.54 -53.94 8.73
C CYS B 46 0.75 -55.15 8.29
N ALA B 47 1.24 -55.79 7.23
CA ALA B 47 0.76 -57.07 6.82
C ALA B 47 1.95 -58.00 6.87
N CYS B 48 1.66 -59.30 6.87
CA CYS B 48 2.65 -60.31 7.17
C CYS B 48 2.33 -61.63 6.49
N GLY B 49 3.36 -62.32 6.01
CA GLY B 49 3.20 -63.68 5.52
C GLY B 49 2.76 -64.69 6.58
N TYR B 50 2.39 -65.88 6.12
CA TYR B 50 1.84 -66.94 6.98
C TYR B 50 0.57 -66.50 7.72
N GLY B 51 -0.21 -65.61 7.12
CA GLY B 51 -1.46 -65.14 7.73
C GLY B 51 -1.26 -64.59 9.12
N CYS B 52 -0.10 -63.98 9.35
CA CYS B 52 0.29 -63.61 10.69
C CYS B 52 -0.12 -62.18 11.00
N GLY B 53 -1.19 -62.05 11.75
CA GLY B 53 -1.65 -60.73 12.13
C GLY B 53 -1.00 -60.16 13.37
N SER B 54 0.02 -60.83 13.90
CA SER B 54 0.76 -60.31 15.05
C SER B 54 1.95 -59.54 14.55
N TRP B 55 1.94 -58.23 14.72
CA TRP B 55 3.07 -57.39 14.32
C TRP B 55 3.25 -56.21 15.25
N ASP B 56 4.39 -55.56 15.14
CA ASP B 56 4.71 -54.45 16.00
C ASP B 56 5.67 -53.48 15.31
N ILE B 57 5.54 -52.20 15.64
CA ILE B 57 6.31 -51.17 14.95
C ILE B 57 7.49 -50.69 15.78
N ARG B 58 8.64 -50.61 15.12
CA ARG B 58 9.91 -50.44 15.79
C ARG B 58 10.57 -49.22 15.20
N ASN B 59 11.26 -48.46 16.04
CA ASN B 59 11.85 -47.19 15.64
C ASN B 59 10.84 -46.29 14.87
N GLY B 60 9.55 -46.44 15.18
CA GLY B 60 8.49 -45.66 14.55
C GLY B 60 8.53 -45.57 13.03
N ASN B 61 8.89 -46.65 12.37
CA ASN B 61 8.97 -46.67 10.90
C ASN B 61 9.06 -48.06 10.31
N THR B 62 9.25 -49.08 11.14
CA THR B 62 9.52 -50.41 10.68
C THR B 62 8.47 -51.36 11.20
N CYS B 63 8.05 -52.27 10.34
CA CYS B 63 7.10 -53.26 10.72
C CYS B 63 7.86 -54.49 11.12
N HIS B 64 7.86 -54.78 12.43
CA HIS B 64 8.34 -56.06 12.85
C HIS B 64 7.20 -57.03 12.88
N CYS B 65 7.48 -58.18 12.32
CA CYS B 65 6.48 -59.12 11.93
C CYS B 65 6.90 -60.42 12.63
N GLN B 66 6.02 -60.96 13.48
CA GLN B 66 6.49 -61.77 14.61
C GLN B 66 5.85 -63.15 14.85
N CYS B 67 5.97 -64.10 13.93
CA CYS B 67 5.45 -65.47 14.18
C CYS B 67 6.51 -66.52 13.91
N SER B 68 6.54 -67.59 14.71
CA SER B 68 7.47 -68.71 14.48
C SER B 68 8.24 -68.60 13.16
N VAL B 69 7.50 -68.64 12.04
CA VAL B 69 8.10 -68.65 10.72
C VAL B 69 7.62 -67.45 9.91
N MET B 70 8.53 -66.76 9.22
CA MET B 70 8.17 -65.56 8.46
C MET B 70 8.90 -65.38 7.12
N ASP B 71 8.18 -65.57 6.03
CA ASP B 71 8.74 -65.35 4.71
C ASP B 71 8.93 -63.86 4.43
N TRP B 72 7.87 -63.06 4.60
CA TRP B 72 7.90 -61.65 4.23
C TRP B 72 7.08 -60.77 5.14
N ALA B 73 7.48 -59.52 5.23
CA ALA B 73 6.72 -58.54 5.95
C ALA B 73 6.45 -57.36 5.04
N SER B 74 5.60 -56.46 5.49
CA SER B 74 5.09 -55.39 4.64
C SER B 74 4.61 -54.20 5.46
N ALA B 75 4.88 -53.00 4.97
CA ALA B 75 4.65 -51.81 5.75
C ALA B 75 3.87 -50.80 4.95
N ARG B 76 2.68 -50.46 5.43
CA ARG B 76 1.89 -49.39 4.84
C ARG B 76 2.43 -48.06 5.34
N CYS B 77 2.72 -47.17 4.41
CA CYS B 77 3.28 -45.87 4.71
C CYS B 77 2.29 -44.84 4.28
N CYS B 78 2.14 -43.78 5.06
CA CYS B 78 1.39 -42.64 4.61
C CYS B 78 2.06 -41.35 4.98
N ARG B 79 1.51 -40.29 4.40
CA ARG B 79 1.98 -38.96 4.65
C ARG B 79 1.19 -37.96 3.83
N MET B 80 1.39 -36.69 4.15
CA MET B 80 0.70 -35.59 3.50
C MET B 80 1.44 -35.17 2.24
N ALA B 81 0.72 -35.18 1.12
CA ALA B 81 1.26 -34.79 -0.17
C ALA B 81 0.49 -33.59 -0.73
N CYS C 1 3.23 0.18 13.61
CA CYS C 1 3.34 1.37 12.70
C CYS C 1 4.47 1.20 11.67
N SER C 2 4.07 0.81 10.46
CA SER C 2 4.95 0.72 9.28
C SER C 2 4.12 0.13 8.14
N PHE C 3 4.21 0.73 6.96
CA PHE C 3 3.30 0.44 5.83
C PHE C 3 3.10 -1.05 5.58
N GLU C 4 4.17 -1.83 5.77
CA GLU C 4 4.08 -3.28 5.80
C GLU C 4 3.34 -3.71 7.08
N SER C 5 4.04 -4.29 8.06
CA SER C 5 3.45 -4.62 9.37
C SER C 5 1.93 -4.79 9.39
N LEU C 6 1.21 -3.67 9.32
CA LEU C 6 -0.26 -3.65 9.29
C LEU C 6 -0.82 -4.75 8.36
N VAL C 7 -0.13 -4.97 7.24
CA VAL C 7 -0.44 -6.04 6.30
C VAL C 7 -0.26 -7.41 6.95
N ASP C 8 0.89 -7.61 7.59
CA ASP C 8 1.18 -8.87 8.26
C ASP C 8 0.20 -9.13 9.41
N GLN C 9 -0.11 -8.09 10.18
CA GLN C 9 -1.17 -8.16 11.19
C GLN C 9 -2.53 -8.55 10.60
N ARG C 10 -2.66 -8.48 9.27
CA ARG C 10 -3.91 -8.75 8.58
C ARG C 10 -3.95 -10.17 8.08
N ILE C 11 -2.86 -10.59 7.46
CA ILE C 11 -2.63 -11.98 7.16
C ILE C 11 -2.77 -12.75 8.46
N LYS C 12 -1.81 -12.50 9.36
CA LYS C 12 -1.74 -13.21 10.64
C LYS C 12 -2.82 -12.77 11.61
N GLU C 13 -3.99 -12.41 11.09
CA GLU C 13 -5.18 -12.21 11.90
C GLU C 13 -6.19 -13.25 11.43
N ALA C 14 -6.90 -12.96 10.34
CA ALA C 14 -7.90 -13.89 9.82
C ALA C 14 -7.30 -15.15 9.17
N LEU C 15 -6.00 -15.38 9.40
CA LEU C 15 -5.33 -16.64 9.07
C LEU C 15 -5.44 -17.62 10.24
N SER C 16 -5.42 -17.09 11.46
CA SER C 16 -5.84 -17.85 12.64
C SER C 16 -7.33 -18.14 12.61
N ARG C 17 -8.05 -17.52 11.68
CA ARG C 17 -9.44 -17.85 11.41
C ARG C 17 -9.63 -19.17 10.61
N GLN C 18 -8.56 -19.69 10.02
CA GLN C 18 -8.61 -20.98 9.27
C GLN C 18 -8.87 -22.18 10.20
N GLU C 19 -9.79 -23.07 9.80
CA GLU C 19 -10.11 -24.28 10.58
C GLU C 19 -9.34 -25.50 10.05
N PRO C 20 -8.36 -26.01 10.81
CA PRO C 20 -7.47 -27.05 10.28
C PRO C 20 -8.17 -28.38 10.10
N LYS C 21 -7.87 -29.05 8.99
CA LYS C 21 -8.50 -30.32 8.67
C LYS C 21 -7.88 -31.39 9.56
N THR C 22 -8.59 -32.50 9.72
CA THR C 22 -8.16 -33.58 10.59
C THR C 22 -8.45 -34.90 9.92
N ILE C 23 -7.72 -35.93 10.32
CA ILE C 23 -7.94 -37.24 9.74
C ILE C 23 -9.31 -37.73 10.20
N SER C 24 -9.97 -38.45 9.30
CA SER C 24 -11.20 -39.15 9.59
C SER C 24 -11.10 -40.49 8.91
N CYS C 25 -11.29 -41.54 9.69
CA CYS C 25 -11.15 -42.88 9.18
C CYS C 25 -12.48 -43.61 9.25
N THR C 26 -12.56 -44.68 8.47
CA THR C 26 -13.75 -45.50 8.46
C THR C 26 -13.39 -46.84 7.84
N SER C 27 -14.16 -47.85 8.16
CA SER C 27 -13.90 -49.18 7.66
C SER C 27 -14.91 -49.54 6.59
N VAL C 28 -14.53 -50.46 5.72
CA VAL C 28 -15.40 -50.98 4.67
C VAL C 28 -15.24 -52.48 4.68
N THR C 29 -16.36 -53.20 4.66
CA THR C 29 -16.31 -54.65 4.85
C THR C 29 -17.17 -55.38 3.84
N SER C 30 -16.56 -56.36 3.16
CA SER C 30 -17.18 -57.06 2.08
C SER C 30 -16.97 -58.55 2.21
N SER C 31 -17.89 -59.33 1.65
CA SER C 31 -17.72 -60.77 1.63
C SER C 31 -16.62 -61.10 0.64
N GLY C 32 -16.15 -62.33 0.67
CA GLY C 32 -15.01 -62.72 -0.14
C GLY C 32 -13.76 -62.05 0.37
N ARG C 33 -12.87 -61.69 -0.54
CA ARG C 33 -11.52 -61.31 -0.12
C ARG C 33 -11.08 -59.93 -0.63
N LEU C 34 -12.04 -59.07 -0.94
CA LEU C 34 -11.74 -57.73 -1.43
C LEU C 34 -12.60 -56.69 -0.76
N ALA C 35 -11.99 -55.57 -0.42
CA ALA C 35 -12.73 -54.44 0.13
C ALA C 35 -12.05 -53.15 -0.26
N SER C 36 -12.83 -52.18 -0.72
CA SER C 36 -12.27 -50.98 -1.32
C SER C 36 -12.73 -49.74 -0.60
N CYS C 37 -11.79 -48.82 -0.38
CA CYS C 37 -12.16 -47.52 0.10
C CYS C 37 -12.73 -46.78 -1.06
N PRO C 38 -13.78 -46.02 -0.80
CA PRO C 38 -14.32 -45.09 -1.77
C PRO C 38 -13.27 -44.06 -2.10
N ALA C 39 -13.22 -43.67 -3.37
CA ALA C 39 -12.16 -42.79 -3.83
C ALA C 39 -12.24 -41.43 -3.13
N GLY C 40 -11.08 -40.82 -2.96
CA GLY C 40 -10.92 -39.68 -2.07
C GLY C 40 -10.47 -40.10 -0.68
N MET C 41 -10.58 -41.41 -0.39
CA MET C 41 -10.05 -41.98 0.83
C MET C 41 -8.88 -42.90 0.49
N VAL C 42 -7.80 -42.81 1.27
CA VAL C 42 -6.68 -43.77 1.18
C VAL C 42 -6.94 -44.98 2.06
N VAL C 43 -6.25 -46.08 1.75
CA VAL C 43 -6.29 -47.30 2.57
C VAL C 43 -5.09 -47.31 3.48
N THR C 44 -5.33 -47.54 4.78
CA THR C 44 -4.26 -47.52 5.78
C THR C 44 -3.95 -48.89 6.35
N GLY C 45 -4.88 -49.83 6.17
CA GLY C 45 -4.71 -51.17 6.72
C GLY C 45 -5.84 -52.08 6.26
N CYS C 46 -5.67 -53.38 6.50
CA CYS C 46 -6.71 -54.33 6.17
C CYS C 46 -6.95 -55.31 7.28
N ALA C 47 -8.14 -55.88 7.27
CA ALA C 47 -8.47 -57.00 8.13
C ALA C 47 -9.05 -58.10 7.28
N CYS C 48 -8.88 -59.33 7.74
CA CYS C 48 -9.32 -60.49 6.99
C CYS C 48 -9.96 -61.45 7.96
N GLY C 49 -10.93 -62.23 7.48
CA GLY C 49 -11.48 -63.33 8.25
C GLY C 49 -10.45 -64.43 8.42
N TYR C 50 -10.83 -65.47 9.17
CA TYR C 50 -9.96 -66.62 9.36
C TYR C 50 -8.61 -66.24 9.99
N GLY C 51 -8.55 -65.08 10.63
CA GLY C 51 -7.37 -64.63 11.34
C GLY C 51 -6.19 -64.45 10.40
N CYS C 52 -6.53 -64.07 9.17
CA CYS C 52 -5.56 -64.01 8.12
C CYS C 52 -4.95 -62.63 8.10
N GLY C 53 -3.69 -62.53 8.48
CA GLY C 53 -2.97 -61.25 8.47
C GLY C 53 -2.04 -61.05 7.27
N SER C 54 -2.17 -61.91 6.26
CA SER C 54 -1.46 -61.74 4.99
C SER C 54 -2.41 -61.07 4.01
N TRP C 55 -2.15 -59.80 3.72
CA TRP C 55 -2.91 -59.05 2.73
C TRP C 55 -1.99 -58.17 1.94
N ASP C 56 -2.54 -57.59 0.90
CA ASP C 56 -1.81 -56.70 0.05
C ASP C 56 -2.83 -55.78 -0.60
N ILE C 57 -2.37 -54.60 -0.99
CA ILE C 57 -3.23 -53.58 -1.57
C ILE C 57 -3.12 -53.53 -3.09
N ARG C 58 -4.27 -53.54 -3.76
CA ARG C 58 -4.32 -53.59 -5.21
C ARG C 58 -5.13 -52.42 -5.73
N ASN C 59 -4.62 -51.74 -6.75
CA ASN C 59 -5.32 -50.59 -7.33
C ASN C 59 -5.50 -49.50 -6.28
N GLY C 60 -4.40 -49.18 -5.59
CA GLY C 60 -4.28 -48.14 -4.54
C GLY C 60 -5.41 -47.91 -3.51
N ASN C 61 -6.52 -48.63 -3.64
CA ASN C 61 -7.64 -48.43 -2.70
C ASN C 61 -8.39 -49.72 -2.34
N THR C 62 -7.75 -50.87 -2.51
CA THR C 62 -8.45 -52.15 -2.38
C THR C 62 -7.71 -53.16 -1.52
N CYS C 63 -8.32 -53.54 -0.42
CA CYS C 63 -7.77 -54.56 0.47
C CYS C 63 -7.95 -55.94 -0.15
N HIS C 64 -6.84 -56.61 -0.44
CA HIS C 64 -6.88 -57.98 -0.89
C HIS C 64 -6.39 -58.97 0.18
N CYS C 65 -7.33 -59.59 0.88
CA CYS C 65 -7.02 -60.66 1.81
C CYS C 65 -6.59 -61.87 1.01
N GLN C 66 -5.55 -62.55 1.47
CA GLN C 66 -4.88 -63.51 0.61
C GLN C 66 -4.61 -64.89 1.18
N CYS C 67 -5.37 -65.39 2.16
CA CYS C 67 -5.10 -66.76 2.62
C CYS C 67 -5.84 -67.74 1.73
N SER C 68 -5.75 -69.04 1.99
CA SER C 68 -6.41 -70.01 1.10
C SER C 68 -7.91 -69.77 1.09
N VAL C 69 -8.51 -69.87 2.28
CA VAL C 69 -9.95 -69.75 2.48
C VAL C 69 -10.18 -68.32 2.92
N MET C 70 -11.32 -67.76 2.59
CA MET C 70 -11.55 -66.35 2.88
C MET C 70 -13.02 -66.01 2.69
N ASP C 71 -13.58 -65.30 3.66
CA ASP C 71 -15.01 -65.07 3.74
C ASP C 71 -15.42 -63.60 3.76
N TRP C 72 -14.61 -62.76 4.39
CA TRP C 72 -14.79 -61.31 4.32
C TRP C 72 -13.45 -60.61 4.40
N ALA C 73 -13.46 -59.35 3.99
CA ALA C 73 -12.30 -58.49 4.12
C ALA C 73 -12.80 -57.11 4.53
N SER C 74 -12.02 -56.38 5.33
CA SER C 74 -12.31 -54.96 5.54
C SER C 74 -11.11 -54.07 5.29
N ALA C 75 -11.38 -52.95 4.63
CA ALA C 75 -10.38 -51.97 4.38
C ALA C 75 -10.58 -50.86 5.38
N ARG C 76 -9.48 -50.33 5.88
CA ARG C 76 -9.53 -49.17 6.73
C ARG C 76 -9.17 -47.97 5.88
N CYS C 77 -10.03 -46.96 5.93
CA CYS C 77 -10.06 -45.92 4.93
C CYS C 77 -9.90 -44.60 5.62
N CYS C 78 -8.95 -43.78 5.18
CA CYS C 78 -8.85 -42.45 5.77
C CYS C 78 -8.81 -41.36 4.73
N ARG C 79 -9.21 -40.17 5.18
CA ARG C 79 -9.41 -39.02 4.35
C ARG C 79 -9.08 -37.82 5.21
N MET C 80 -8.84 -36.71 4.55
CA MET C 80 -8.70 -35.43 5.23
C MET C 80 -10.09 -34.81 5.17
N ALA C 81 -10.48 -34.22 6.29
CA ALA C 81 -11.81 -33.66 6.48
C ALA C 81 -11.68 -32.73 7.66
N CYS D 1 -12.89 2.34 -5.44
CA CYS D 1 -12.63 0.89 -5.22
C CYS D 1 -11.36 0.42 -5.92
N SER D 2 -10.21 0.68 -5.29
CA SER D 2 -8.90 0.32 -5.84
C SER D 2 -7.77 0.80 -4.91
N PHE D 3 -6.57 0.29 -5.15
CA PHE D 3 -5.40 0.72 -4.39
C PHE D 3 -5.07 2.17 -4.70
N GLU D 4 -4.58 2.44 -5.91
CA GLU D 4 -4.24 3.79 -6.35
C GLU D 4 -5.32 4.80 -5.95
N SER D 5 -6.56 4.50 -6.33
CA SER D 5 -7.73 5.32 -5.99
C SER D 5 -7.61 6.10 -4.69
N LEU D 6 -7.73 5.39 -3.56
CA LEU D 6 -7.85 6.03 -2.24
C LEU D 6 -6.69 6.97 -1.95
N VAL D 7 -5.48 6.46 -2.13
CA VAL D 7 -4.28 7.26 -1.93
C VAL D 7 -4.29 8.48 -2.86
N ASP D 8 -4.51 8.25 -4.16
CA ASP D 8 -4.55 9.35 -5.14
C ASP D 8 -5.76 10.26 -4.88
N GLN D 9 -6.21 10.28 -3.63
CA GLN D 9 -7.34 11.08 -3.19
C GLN D 9 -7.27 11.49 -1.72
N ARG D 10 -6.75 10.63 -0.86
CA ARG D 10 -6.38 11.05 0.48
C ARG D 10 -5.49 12.30 0.34
N ILE D 11 -4.87 12.44 -0.83
CA ILE D 11 -4.16 13.67 -1.20
C ILE D 11 -5.11 14.83 -1.48
N LYS D 12 -6.13 14.63 -2.32
CA LYS D 12 -7.08 15.69 -2.69
C LYS D 12 -7.79 16.27 -1.46
N GLU D 13 -7.82 15.51 -0.37
CA GLU D 13 -8.36 15.96 0.92
C GLU D 13 -7.37 16.80 1.74
N ALA D 14 -6.16 16.99 1.22
CA ALA D 14 -5.22 17.98 1.74
C ALA D 14 -5.00 19.10 0.72
N LEU D 15 -4.98 18.76 -0.57
CA LEU D 15 -4.99 19.78 -1.64
C LEU D 15 -6.37 20.45 -1.77
N SER D 16 -6.88 20.88 -0.63
CA SER D 16 -8.10 21.67 -0.47
C SER D 16 -8.30 21.80 1.05
N ARG D 17 -7.17 21.88 1.73
CA ARG D 17 -7.03 22.07 3.15
C ARG D 17 -5.92 23.08 3.32
N GLN D 18 -4.98 23.04 2.34
CA GLN D 18 -3.92 24.03 2.26
C GLN D 18 -4.54 25.43 2.18
N GLU D 19 -3.72 26.41 2.50
CA GLU D 19 -4.06 27.79 2.42
C GLU D 19 -3.80 28.44 1.05
N PRO D 20 -4.87 29.17 0.66
CA PRO D 20 -4.70 29.99 -0.49
C PRO D 20 -3.63 31.00 -0.01
N LYS D 21 -2.48 31.03 -0.67
CA LYS D 21 -1.49 32.06 -0.41
C LYS D 21 -1.88 33.23 -1.28
N THR D 22 -1.48 34.45 -0.87
CA THR D 22 -1.94 35.66 -1.55
C THR D 22 -0.96 36.82 -1.41
N ILE D 23 -0.99 37.77 -2.34
CA ILE D 23 -0.04 38.89 -2.33
C ILE D 23 -0.46 39.96 -1.34
N SER D 24 0.51 40.53 -0.63
CA SER D 24 0.29 41.67 0.26
C SER D 24 1.24 42.78 -0.12
N CYS D 25 0.80 44.03 -0.03
CA CYS D 25 1.62 45.16 -0.41
C CYS D 25 1.58 46.32 0.57
N THR D 26 2.66 47.09 0.59
CA THR D 26 2.75 48.31 1.37
C THR D 26 3.58 49.33 0.64
N SER D 27 3.49 50.58 1.08
CA SER D 27 4.44 51.56 0.67
C SER D 27 5.45 51.80 1.80
N VAL D 28 6.64 52.25 1.43
CA VAL D 28 7.64 52.78 2.36
C VAL D 28 7.96 54.17 1.86
N THR D 29 7.97 55.16 2.74
CA THR D 29 8.20 56.53 2.31
C THR D 29 9.31 57.20 3.08
N SER D 30 10.54 56.97 2.65
CA SER D 30 11.65 57.76 3.13
C SER D 30 11.53 59.14 2.50
N SER D 31 12.27 60.09 3.04
CA SER D 31 12.22 61.43 2.49
C SER D 31 13.58 61.89 2.07
N GLY D 32 13.91 61.54 0.84
CA GLY D 32 14.85 62.29 0.03
C GLY D 32 14.54 61.90 -1.40
N ARG D 33 15.35 60.97 -1.88
CA ARG D 33 15.36 60.55 -3.26
C ARG D 33 15.22 59.04 -3.40
N LEU D 34 15.41 58.34 -2.29
CA LEU D 34 15.50 56.90 -2.25
C LEU D 34 14.59 56.38 -1.17
N ALA D 35 13.77 55.41 -1.50
CA ALA D 35 12.93 54.77 -0.53
C ALA D 35 13.13 53.31 -0.75
N SER D 36 13.17 52.56 0.34
CA SER D 36 13.66 51.19 0.27
C SER D 36 12.73 50.14 0.86
N CYS D 37 12.48 49.10 0.07
CA CYS D 37 11.63 48.00 0.48
C CYS D 37 12.36 47.12 1.47
N PRO D 38 11.64 46.66 2.49
CA PRO D 38 12.19 45.72 3.45
C PRO D 38 12.61 44.41 2.83
N ALA D 39 13.43 43.72 3.60
CA ALA D 39 13.73 42.32 3.39
C ALA D 39 12.47 41.52 3.07
N GLY D 40 12.54 40.73 2.00
CA GLY D 40 11.48 39.80 1.64
C GLY D 40 10.34 40.44 0.89
N MET D 41 10.60 41.57 0.25
CA MET D 41 9.59 42.23 -0.54
C MET D 41 10.21 42.79 -1.81
N VAL D 42 9.53 42.54 -2.91
CA VAL D 42 9.86 43.13 -4.19
C VAL D 42 9.29 44.54 -4.32
N VAL D 43 10.06 45.47 -4.87
CA VAL D 43 9.56 46.79 -5.25
C VAL D 43 8.70 46.55 -6.46
N THR D 44 7.55 47.19 -6.47
CA THR D 44 6.54 46.93 -7.45
C THR D 44 6.19 48.20 -8.20
N GLY D 45 6.54 49.34 -7.63
CA GLY D 45 6.29 50.64 -8.23
C GLY D 45 6.94 51.66 -7.33
N CYS D 46 7.15 52.86 -7.85
CA CYS D 46 7.65 53.95 -7.04
C CYS D 46 6.78 55.15 -7.22
N ALA D 47 6.92 56.09 -6.31
CA ALA D 47 6.30 57.39 -6.43
C ALA D 47 7.28 58.41 -5.91
N CYS D 48 7.10 59.65 -6.33
CA CYS D 48 8.06 60.69 -6.10
C CYS D 48 7.33 62.03 -5.96
N GLY D 49 7.85 62.95 -5.14
CA GLY D 49 7.34 64.33 -5.05
C GLY D 49 7.61 65.20 -6.26
N TYR D 50 7.07 66.42 -6.28
CA TYR D 50 7.16 67.28 -7.47
C TYR D 50 6.67 66.57 -8.73
N GLY D 51 5.63 65.76 -8.55
CA GLY D 51 4.96 65.10 -9.65
C GLY D 51 5.96 64.44 -10.55
N CYS D 52 6.99 63.89 -9.92
CA CYS D 52 8.08 63.30 -10.65
C CYS D 52 7.74 61.86 -10.92
N GLY D 53 7.69 61.49 -12.19
CA GLY D 53 7.47 60.10 -12.57
C GLY D 53 8.70 59.44 -13.16
N SER D 54 9.88 60.02 -12.90
CA SER D 54 11.13 59.50 -13.44
C SER D 54 11.93 58.80 -12.35
N TRP D 55 11.81 57.48 -12.29
CA TRP D 55 12.52 56.72 -11.28
C TRP D 55 13.13 55.44 -11.81
N ASP D 56 13.98 54.86 -10.98
CA ASP D 56 14.62 53.59 -11.28
C ASP D 56 14.87 52.80 -10.01
N ILE D 57 14.98 51.47 -10.14
CA ILE D 57 15.29 50.60 -9.01
C ILE D 57 16.80 50.35 -8.88
N ARG D 58 17.30 50.51 -7.66
CA ARG D 58 18.70 50.35 -7.36
C ARG D 58 18.89 49.36 -6.25
N ASN D 59 19.97 48.60 -6.31
CA ASN D 59 20.30 47.65 -5.26
C ASN D 59 19.19 46.62 -5.02
N GLY D 60 18.43 46.32 -6.07
CA GLY D 60 17.42 45.26 -6.04
C GLY D 60 16.05 45.62 -5.48
N ASN D 61 16.00 46.47 -4.45
CA ASN D 61 14.73 46.79 -3.79
C ASN D 61 14.52 48.26 -3.51
N THR D 62 15.16 49.15 -4.25
CA THR D 62 15.14 50.54 -3.84
C THR D 62 14.67 51.52 -4.91
N CYS D 63 13.65 52.30 -4.58
CA CYS D 63 13.18 53.35 -5.45
C CYS D 63 14.17 54.49 -5.47
N HIS D 64 14.46 54.98 -6.66
CA HIS D 64 15.28 56.14 -6.81
C HIS D 64 14.63 57.17 -7.73
N CYS D 65 14.21 58.28 -7.12
CA CYS D 65 13.62 59.38 -7.84
C CYS D 65 14.72 60.18 -8.53
N GLN D 66 14.54 60.46 -9.80
CA GLN D 66 15.62 61.06 -10.57
C GLN D 66 15.44 62.54 -10.89
N CYS D 67 14.30 63.13 -10.57
CA CYS D 67 13.93 64.34 -11.31
C CYS D 67 14.85 65.52 -11.17
N SER D 68 15.32 65.83 -9.96
CA SER D 68 16.29 66.93 -9.79
C SER D 68 16.24 67.52 -8.40
N VAL D 69 15.02 67.89 -7.99
CA VAL D 69 14.77 68.43 -6.70
C VAL D 69 13.90 67.45 -6.01
N MET D 70 14.45 66.98 -4.90
CA MET D 70 13.63 66.05 -4.22
C MET D 70 13.42 66.17 -2.70
N ASP D 71 12.14 65.90 -2.40
CA ASP D 71 11.62 65.87 -1.06
C ASP D 71 11.63 64.48 -0.52
N TRP D 72 10.97 63.58 -1.25
CA TRP D 72 10.58 62.28 -0.75
C TRP D 72 10.36 61.31 -1.89
N ALA D 73 10.36 60.04 -1.53
CA ALA D 73 10.17 58.98 -2.49
C ALA D 73 9.40 57.89 -1.78
N SER D 74 8.61 57.14 -2.54
CA SER D 74 7.89 56.00 -1.97
C SER D 74 8.23 54.71 -2.71
N ALA D 75 7.99 53.60 -2.04
CA ALA D 75 8.27 52.30 -2.61
C ALA D 75 7.05 51.44 -2.38
N ARG D 76 6.51 50.89 -3.45
CA ARG D 76 5.46 49.91 -3.33
C ARG D 76 6.09 48.53 -3.22
N CYS D 77 5.93 47.90 -2.06
CA CYS D 77 6.53 46.61 -1.77
C CYS D 77 5.45 45.56 -1.66
N CYS D 78 5.72 44.39 -2.24
CA CYS D 78 4.80 43.27 -2.17
C CYS D 78 5.49 41.99 -1.80
N ARG D 79 4.81 41.15 -1.04
CA ARG D 79 5.31 39.82 -0.72
C ARG D 79 4.15 38.87 -0.80
N MET D 80 4.45 37.58 -0.88
CA MET D 80 3.44 36.54 -0.78
C MET D 80 3.20 36.21 0.70
N ALA D 81 2.13 36.80 1.23
CA ALA D 81 1.71 36.52 2.57
C ALA D 81 0.86 35.25 2.62
N CYS E 1 7.77 -1.19 -5.26
CA CYS E 1 9.18 -1.12 -4.79
C CYS E 1 9.27 -0.75 -3.32
N SER E 2 8.21 -0.12 -2.78
CA SER E 2 7.99 0.01 -1.34
C SER E 2 6.68 0.77 -1.07
N PHE E 3 5.73 0.10 -0.41
CA PHE E 3 4.49 0.76 0.05
C PHE E 3 4.69 1.95 1.00
N GLU E 4 5.95 2.33 1.25
CA GLU E 4 6.28 3.64 1.84
C GLU E 4 6.48 4.68 0.73
N SER E 5 6.51 4.20 -0.53
CA SER E 5 6.85 5.01 -1.70
C SER E 5 5.86 4.92 -2.85
N LEU E 6 5.19 3.78 -3.03
CA LEU E 6 4.11 3.72 -4.03
C LEU E 6 3.17 4.91 -3.76
N VAL E 7 3.10 5.29 -2.49
CA VAL E 7 2.40 6.48 -2.03
C VAL E 7 3.09 7.81 -2.40
N ASP E 8 4.41 7.85 -2.34
CA ASP E 8 5.16 9.06 -2.71
C ASP E 8 4.96 9.43 -4.19
N GLN E 9 5.13 8.46 -5.08
CA GLN E 9 4.98 8.68 -6.53
C GLN E 9 3.53 8.91 -6.96
N ARG E 10 2.59 8.74 -6.05
CA ARG E 10 1.20 9.13 -6.28
C ARG E 10 0.97 10.52 -5.68
N ILE E 11 1.51 10.73 -4.48
CA ILE E 11 1.50 12.05 -3.84
C ILE E 11 2.47 13.05 -4.50
N LYS E 12 3.00 12.70 -5.69
CA LYS E 12 3.93 13.58 -6.44
C LYS E 12 3.51 13.77 -7.90
N GLU E 13 2.87 12.78 -8.50
CA GLU E 13 2.14 13.00 -9.75
C GLU E 13 0.94 13.90 -9.46
N ALA E 14 0.57 13.98 -8.17
CA ALA E 14 -0.48 14.86 -7.70
C ALA E 14 -0.10 16.32 -7.85
N LEU E 15 1.04 16.65 -7.25
CA LEU E 15 1.50 18.03 -7.15
C LEU E 15 1.93 18.59 -8.49
N SER E 16 2.39 17.73 -9.37
CA SER E 16 2.79 18.16 -10.71
C SER E 16 1.57 18.43 -11.59
N ARG E 17 0.53 17.60 -11.45
CA ARG E 17 -0.71 17.78 -12.21
C ARG E 17 -1.50 19.04 -11.80
N GLN E 18 -0.94 19.86 -10.93
CA GLN E 18 -1.72 20.82 -10.14
C GLN E 18 -2.11 22.13 -10.84
N GLU E 19 -1.23 22.66 -11.69
CA GLU E 19 -1.42 23.98 -12.32
C GLU E 19 -1.15 25.11 -11.32
N PRO E 20 -0.09 25.90 -11.53
CA PRO E 20 0.34 26.88 -10.53
C PRO E 20 -0.48 28.16 -10.55
N LYS E 21 -0.79 28.69 -9.37
CA LYS E 21 -1.40 30.01 -9.27
C LYS E 21 -0.44 31.00 -9.95
N THR E 22 -0.96 32.14 -10.43
CA THR E 22 -0.16 33.03 -11.26
C THR E 22 -0.66 34.48 -11.29
N ILE E 23 0.24 35.44 -11.12
CA ILE E 23 -0.13 36.87 -11.03
C ILE E 23 -0.90 37.32 -12.26
N SER E 24 -1.99 38.06 -12.07
CA SER E 24 -2.59 38.82 -13.16
C SER E 24 -3.04 40.19 -12.70
N CYS E 25 -3.11 41.13 -13.65
CA CYS E 25 -3.29 42.53 -13.32
C CYS E 25 -4.23 43.26 -14.26
N THR E 26 -4.62 44.45 -13.83
CA THR E 26 -5.43 45.34 -14.65
C THR E 26 -5.21 46.76 -14.20
N SER E 27 -5.60 47.70 -15.04
CA SER E 27 -5.61 49.07 -14.64
C SER E 27 -7.05 49.53 -14.48
N VAL E 28 -7.36 50.12 -13.32
CA VAL E 28 -8.59 50.85 -13.14
C VAL E 28 -8.32 52.34 -13.36
N THR E 29 -9.13 52.95 -14.22
CA THR E 29 -8.98 54.36 -14.54
C THR E 29 -10.29 55.06 -14.27
N SER E 30 -10.19 56.19 -13.58
CA SER E 30 -11.36 56.95 -13.17
C SER E 30 -11.00 58.40 -13.25
N SER E 31 -12.00 59.23 -13.47
CA SER E 31 -11.82 60.69 -13.42
C SER E 31 -11.56 61.16 -12.00
N GLY E 32 -10.86 62.28 -11.88
CA GLY E 32 -10.46 62.83 -10.59
C GLY E 32 -9.17 62.22 -10.10
N ARG E 33 -8.94 62.31 -8.80
CA ARG E 33 -7.67 61.89 -8.21
C ARG E 33 -7.68 60.47 -7.66
N LEU E 34 -8.83 59.82 -7.65
CA LEU E 34 -8.88 58.52 -7.01
C LEU E 34 -9.23 57.45 -7.98
N ALA E 35 -8.63 56.29 -7.75
CA ALA E 35 -8.83 55.12 -8.56
C ALA E 35 -8.59 53.92 -7.66
N SER E 36 -9.55 53.01 -7.63
CA SER E 36 -9.60 51.98 -6.62
C SER E 36 -9.69 50.58 -7.18
N CYS E 37 -8.90 49.69 -6.60
CA CYS E 37 -8.90 48.28 -6.99
C CYS E 37 -10.16 47.55 -6.56
N PRO E 38 -10.64 46.65 -7.41
CA PRO E 38 -11.61 45.68 -7.01
C PRO E 38 -11.21 44.84 -5.81
N ALA E 39 -12.20 44.16 -5.27
CA ALA E 39 -12.05 43.35 -4.10
C ALA E 39 -11.16 42.17 -4.45
N GLY E 40 -10.26 41.83 -3.52
CA GLY E 40 -9.32 40.76 -3.75
C GLY E 40 -8.28 41.11 -4.78
N MET E 41 -7.92 42.39 -4.85
CA MET E 41 -6.78 42.82 -5.65
C MET E 41 -5.94 43.78 -4.85
N VAL E 42 -4.64 43.65 -4.99
CA VAL E 42 -3.74 44.58 -4.35
C VAL E 42 -3.26 45.61 -5.35
N VAL E 43 -2.87 46.75 -4.80
CA VAL E 43 -2.53 47.91 -5.57
C VAL E 43 -1.04 47.90 -5.70
N THR E 44 -0.62 47.87 -6.94
CA THR E 44 0.75 47.63 -7.32
C THR E 44 1.42 48.98 -7.61
N GLY E 45 0.64 49.93 -8.09
CA GLY E 45 1.14 51.24 -8.45
C GLY E 45 0.01 52.12 -8.94
N CYS E 46 0.34 53.36 -9.26
CA CYS E 46 -0.63 54.33 -9.73
C CYS E 46 -0.08 55.09 -10.92
N ALA E 47 -0.98 55.64 -11.72
CA ALA E 47 -0.62 56.57 -12.78
C ALA E 47 -1.57 57.73 -12.63
N CYS E 48 -1.10 58.91 -12.99
CA CYS E 48 -1.94 60.10 -12.92
C CYS E 48 -1.78 60.89 -14.19
N GLY E 49 -2.79 61.70 -14.46
CA GLY E 49 -2.75 62.62 -15.58
C GLY E 49 -1.83 63.77 -15.28
N TYR E 50 -1.67 64.67 -16.25
CA TYR E 50 -0.77 65.81 -16.11
C TYR E 50 0.67 65.41 -15.74
N GLY E 51 1.06 64.20 -16.12
CA GLY E 51 2.41 63.72 -15.90
C GLY E 51 2.83 63.70 -14.44
N CYS E 52 1.88 63.39 -13.56
CA CYS E 52 2.12 63.49 -12.13
C CYS E 52 2.56 62.14 -11.56
N GLY E 53 3.77 62.11 -11.03
CA GLY E 53 4.30 60.93 -10.35
C GLY E 53 4.18 61.03 -8.84
N SER E 54 3.48 62.06 -8.36
CA SER E 54 3.24 62.22 -6.94
C SER E 54 1.92 61.57 -6.63
N TRP E 55 1.99 60.47 -5.88
CA TRP E 55 0.79 59.81 -5.41
C TRP E 55 1.06 58.92 -4.23
N ASP E 56 -0.02 58.56 -3.57
CA ASP E 56 0.03 57.80 -2.34
C ASP E 56 -1.18 56.92 -2.34
N ILE E 57 -1.08 55.78 -1.67
CA ILE E 57 -2.18 54.83 -1.64
C ILE E 57 -2.96 54.88 -0.33
N ARG E 58 -4.27 55.00 -0.45
CA ARG E 58 -5.16 55.04 0.71
C ARG E 58 -5.83 53.71 0.88
N ASN E 59 -5.92 53.28 2.14
CA ASN E 59 -6.66 52.07 2.53
C ASN E 59 -6.27 50.82 1.76
N GLY E 60 -5.01 50.76 1.34
CA GLY E 60 -4.49 49.67 0.53
C GLY E 60 -5.42 49.27 -0.60
N ASN E 61 -6.14 50.23 -1.16
CA ASN E 61 -6.81 49.97 -2.45
C ASN E 61 -7.21 51.20 -3.25
N THR E 62 -6.77 52.38 -2.83
CA THR E 62 -7.12 53.59 -3.53
C THR E 62 -5.89 54.42 -3.85
N CYS E 63 -5.51 54.42 -5.11
CA CYS E 63 -4.55 55.39 -5.60
C CYS E 63 -5.11 56.77 -5.42
N HIS E 64 -4.28 57.67 -4.89
CA HIS E 64 -4.62 59.07 -4.76
C HIS E 64 -3.62 59.91 -5.49
N CYS E 65 -4.08 60.58 -6.54
CA CYS E 65 -3.22 61.47 -7.31
C CYS E 65 -3.11 62.81 -6.61
N GLN E 66 -1.89 63.34 -6.54
CA GLN E 66 -1.57 64.37 -5.57
C GLN E 66 -1.46 65.79 -6.10
N CYS E 67 -1.09 65.95 -7.37
CA CYS E 67 -0.68 67.26 -7.89
C CYS E 67 -1.83 68.24 -8.03
N SER E 68 -1.51 69.53 -7.91
CA SER E 68 -2.49 70.64 -7.90
C SER E 68 -3.71 70.44 -8.79
N VAL E 69 -3.49 70.16 -10.07
CA VAL E 69 -4.63 69.85 -10.94
C VAL E 69 -4.56 68.40 -11.39
N MET E 70 -5.69 67.71 -11.21
CA MET E 70 -5.84 66.36 -11.68
C MET E 70 -6.98 66.29 -12.66
N ASP E 71 -6.99 65.22 -13.44
CA ASP E 71 -8.07 64.94 -14.37
C ASP E 71 -8.45 63.45 -14.36
N TRP E 72 -7.45 62.57 -14.29
CA TRP E 72 -7.70 61.16 -14.07
C TRP E 72 -6.64 60.56 -13.21
N ALA E 73 -7.03 59.49 -12.54
CA ALA E 73 -6.12 58.66 -11.79
C ALA E 73 -6.34 57.25 -12.27
N SER E 74 -5.27 56.48 -12.20
CA SER E 74 -5.34 55.09 -12.55
C SER E 74 -4.63 54.27 -11.50
N ALA E 75 -5.17 53.10 -11.21
CA ALA E 75 -4.58 52.23 -10.22
C ALA E 75 -4.23 50.89 -10.87
N ARG E 76 -3.02 50.41 -10.61
CA ARG E 76 -2.60 49.10 -11.07
C ARG E 76 -2.95 48.01 -10.07
N CYS E 77 -3.82 47.11 -10.49
CA CYS E 77 -4.34 46.03 -9.64
C CYS E 77 -3.76 44.67 -9.99
N CYS E 78 -3.33 43.92 -8.98
CA CYS E 78 -2.78 42.59 -9.21
C CYS E 78 -3.35 41.56 -8.26
N ARG E 79 -3.25 40.29 -8.68
CA ARG E 79 -3.79 39.19 -7.90
C ARG E 79 -3.39 37.82 -8.43
N MET E 80 -3.44 36.83 -7.54
CA MET E 80 -3.19 35.43 -7.88
C MET E 80 -4.40 34.82 -8.57
N ALA E 81 -4.20 34.37 -9.82
CA ALA E 81 -5.29 33.83 -10.63
C ALA E 81 -5.08 32.35 -10.84
N CYS F 1 -0.27 1.93 12.84
CA CYS F 1 -1.41 2.61 13.55
C CYS F 1 -2.62 2.95 12.66
N SER F 2 -2.41 2.97 11.34
CA SER F 2 -3.48 2.92 10.30
C SER F 2 -2.96 3.39 8.94
N PHE F 3 -3.72 3.08 7.87
CA PHE F 3 -3.47 3.68 6.55
C PHE F 3 -3.58 5.18 6.74
N GLU F 4 -4.53 5.56 7.60
CA GLU F 4 -4.78 6.94 8.02
C GLU F 4 -3.54 7.80 8.09
N SER F 5 -2.47 7.30 8.69
CA SER F 5 -1.32 8.14 8.99
C SER F 5 -0.08 7.91 8.12
N LEU F 6 -0.16 7.08 7.09
CA LEU F 6 0.92 6.99 6.11
C LEU F 6 0.65 8.02 5.02
N VAL F 7 -0.53 7.93 4.41
CA VAL F 7 -0.97 9.00 3.50
C VAL F 7 -0.84 10.35 4.22
N ASP F 8 -1.37 10.46 5.43
CA ASP F 8 -1.27 11.70 6.20
C ASP F 8 0.18 12.13 6.42
N GLN F 9 0.97 11.31 7.11
CA GLN F 9 2.36 11.66 7.40
C GLN F 9 3.20 11.80 6.13
N ARG F 10 3.17 10.82 5.22
CA ARG F 10 3.96 10.94 3.99
C ARG F 10 3.58 12.19 3.19
N ILE F 11 2.31 12.60 3.23
CA ILE F 11 1.88 13.89 2.66
C ILE F 11 2.45 15.09 3.42
N LYS F 12 2.09 15.22 4.69
CA LYS F 12 2.57 16.33 5.52
C LYS F 12 4.04 16.64 5.26
N GLU F 13 4.89 15.60 5.33
CA GLU F 13 6.31 15.74 5.02
C GLU F 13 6.59 16.01 3.53
N ALA F 14 5.72 15.55 2.64
CA ALA F 14 5.80 15.87 1.21
C ALA F 14 5.45 17.33 0.94
N LEU F 15 4.38 17.81 1.57
CA LEU F 15 3.92 19.20 1.45
C LEU F 15 4.81 20.19 2.23
N SER F 16 6.08 19.82 2.38
CA SER F 16 7.07 20.58 3.14
C SER F 16 8.39 20.56 2.37
N ARG F 17 8.74 19.39 1.83
CA ARG F 17 9.79 19.28 0.83
C ARG F 17 9.55 20.21 -0.37
N GLN F 18 8.33 20.71 -0.52
CA GLN F 18 8.05 21.81 -1.45
C GLN F 18 8.48 23.17 -0.87
N GLU F 19 9.40 23.82 -1.56
CA GLU F 19 9.79 25.21 -1.24
C GLU F 19 8.75 26.14 -1.90
N PRO F 20 8.23 27.12 -1.15
CA PRO F 20 7.16 27.95 -1.69
C PRO F 20 7.61 28.94 -2.76
N LYS F 21 6.64 29.39 -3.56
CA LYS F 21 6.88 30.34 -4.63
C LYS F 21 7.02 31.73 -4.03
N THR F 22 7.65 32.62 -4.78
CA THR F 22 7.94 33.97 -4.31
C THR F 22 7.80 34.94 -5.47
N ILE F 23 7.52 36.21 -5.19
CA ILE F 23 7.48 37.21 -6.24
C ILE F 23 8.92 37.53 -6.60
N SER F 24 9.15 37.70 -7.90
CA SER F 24 10.44 38.12 -8.43
C SER F 24 10.19 39.09 -9.56
N CYS F 25 10.90 40.21 -9.52
CA CYS F 25 10.63 41.30 -10.43
C CYS F 25 11.89 41.76 -11.15
N THR F 26 11.70 42.68 -12.09
CA THR F 26 12.76 43.15 -12.95
C THR F 26 12.31 44.40 -13.70
N SER F 27 13.26 45.26 -14.07
CA SER F 27 12.96 46.46 -14.84
C SER F 27 13.39 46.30 -16.29
N VAL F 28 12.77 47.06 -17.18
CA VAL F 28 13.18 47.13 -18.58
C VAL F 28 12.96 48.54 -19.08
N THR F 29 13.97 49.13 -19.70
CA THR F 29 13.82 50.48 -20.24
C THR F 29 14.21 50.48 -21.71
N SER F 30 13.46 51.22 -22.51
CA SER F 30 13.80 51.43 -23.92
C SER F 30 13.93 52.91 -24.14
N SER F 31 14.60 53.27 -25.23
CA SER F 31 14.46 54.58 -25.78
C SER F 31 13.04 54.63 -26.32
N GLY F 32 12.50 55.84 -26.39
CA GLY F 32 11.16 56.04 -26.92
C GLY F 32 10.18 56.12 -25.78
N ARG F 33 8.96 55.66 -26.03
CA ARG F 33 7.91 55.72 -25.03
C ARG F 33 7.25 54.37 -24.80
N LEU F 34 7.88 53.31 -25.27
CA LEU F 34 7.32 51.98 -25.06
C LEU F 34 8.40 51.04 -24.54
N ALA F 35 8.09 50.44 -23.41
CA ALA F 35 8.96 49.47 -22.80
C ALA F 35 8.12 48.24 -22.51
N SER F 36 8.63 47.09 -22.92
CA SER F 36 7.90 45.84 -22.80
C SER F 36 8.55 44.88 -21.83
N CYS F 37 7.70 44.08 -21.17
CA CYS F 37 8.17 42.97 -20.37
C CYS F 37 8.28 41.75 -21.20
N PRO F 38 9.23 40.91 -20.83
CA PRO F 38 9.31 39.53 -21.28
C PRO F 38 8.01 38.77 -21.13
N ALA F 39 7.79 37.83 -22.03
CA ALA F 39 6.60 37.00 -21.96
C ALA F 39 6.70 36.16 -20.70
N GLY F 40 5.56 36.04 -20.01
CA GLY F 40 5.49 35.25 -18.81
C GLY F 40 5.71 36.07 -17.56
N MET F 41 5.84 37.39 -17.70
CA MET F 41 5.73 38.29 -16.55
C MET F 41 4.55 39.24 -16.71
N VAL F 42 4.38 40.06 -15.70
CA VAL F 42 3.26 40.95 -15.57
C VAL F 42 3.83 42.33 -15.46
N VAL F 43 3.21 43.32 -16.11
CA VAL F 43 3.61 44.69 -15.90
C VAL F 43 2.98 45.15 -14.60
N THR F 44 3.81 45.67 -13.73
CA THR F 44 3.39 46.01 -12.40
C THR F 44 3.40 47.54 -12.22
N GLY F 45 4.13 48.23 -13.09
CA GLY F 45 4.27 49.68 -13.00
C GLY F 45 5.13 50.17 -14.15
N CYS F 46 5.05 51.47 -14.42
CA CYS F 46 5.89 52.09 -15.44
C CYS F 46 6.59 53.32 -14.89
N ALA F 47 7.72 53.66 -15.50
CA ALA F 47 8.37 54.94 -15.24
C ALA F 47 8.71 55.58 -16.56
N CYS F 48 8.73 56.91 -16.57
CA CYS F 48 8.91 57.67 -17.79
C CYS F 48 9.89 58.81 -17.61
N GLY F 49 10.52 59.16 -18.72
CA GLY F 49 11.33 60.35 -18.83
C GLY F 49 10.56 61.64 -18.68
N TYR F 50 11.31 62.72 -18.61
CA TYR F 50 10.78 64.07 -18.37
C TYR F 50 9.85 64.11 -17.17
N GLY F 51 10.10 63.26 -16.17
CA GLY F 51 9.25 63.20 -14.98
C GLY F 51 7.79 62.86 -15.23
N CYS F 52 7.51 62.08 -16.28
CA CYS F 52 6.12 61.81 -16.65
C CYS F 52 5.47 60.70 -15.80
N GLY F 53 4.46 61.08 -15.02
CA GLY F 53 3.67 60.10 -14.27
C GLY F 53 2.48 59.55 -15.03
N SER F 54 2.33 59.97 -16.29
CA SER F 54 1.16 59.61 -17.08
C SER F 54 1.53 58.49 -18.03
N TRP F 55 0.98 57.32 -17.79
CA TRP F 55 1.22 56.19 -18.66
C TRP F 55 0.08 55.21 -18.65
N ASP F 56 0.12 54.33 -19.63
CA ASP F 56 -0.87 53.28 -19.75
C ASP F 56 -0.16 52.04 -20.22
N ILE F 57 -0.80 50.90 -20.03
CA ILE F 57 -0.22 49.63 -20.40
C ILE F 57 -0.92 49.11 -21.65
N ARG F 58 -0.21 48.34 -22.47
CA ARG F 58 -0.63 48.12 -23.84
C ARG F 58 -1.23 46.76 -24.16
N ASN F 59 -0.44 45.69 -24.13
CA ASN F 59 -1.06 44.36 -24.28
C ASN F 59 -0.75 43.52 -23.06
N GLY F 60 -0.99 44.10 -21.89
CA GLY F 60 -0.61 43.49 -20.63
C GLY F 60 0.87 43.22 -20.56
N ASN F 61 1.66 43.90 -21.39
CA ASN F 61 3.12 43.71 -21.40
C ASN F 61 3.92 44.92 -21.85
N THR F 62 3.28 46.07 -22.07
CA THR F 62 4.00 47.24 -22.54
C THR F 62 3.56 48.54 -21.90
N CYS F 63 4.48 49.13 -21.16
CA CYS F 63 4.32 50.48 -20.66
C CYS F 63 4.31 51.44 -21.83
N HIS F 64 3.35 52.35 -21.82
CA HIS F 64 3.29 53.44 -22.80
C HIS F 64 3.29 54.78 -22.09
N CYS F 65 4.46 55.37 -22.01
CA CYS F 65 4.62 56.71 -21.50
C CYS F 65 3.93 57.62 -22.45
N GLN F 66 3.04 58.45 -21.94
CA GLN F 66 2.18 59.22 -22.81
C GLN F 66 2.36 60.69 -22.60
N CYS F 67 3.57 61.21 -22.72
CA CYS F 67 3.66 62.64 -22.56
C CYS F 67 3.57 63.39 -23.91
N SER F 68 4.54 64.24 -24.22
CA SER F 68 4.52 64.95 -25.47
C SER F 68 5.89 64.72 -26.10
N VAL F 69 6.89 64.86 -25.26
CA VAL F 69 8.28 64.71 -25.57
C VAL F 69 8.82 63.54 -24.75
N MET F 70 9.34 62.51 -25.42
CA MET F 70 9.71 61.33 -24.65
C MET F 70 11.00 60.58 -24.91
N ASP F 71 11.80 60.79 -23.96
CA ASP F 71 13.12 60.25 -23.78
C ASP F 71 13.19 58.75 -23.94
N TRP F 72 12.67 58.14 -22.87
CA TRP F 72 12.72 56.75 -22.65
C TRP F 72 11.57 56.29 -21.76
N ALA F 73 11.08 55.09 -21.97
CA ALA F 73 10.09 54.50 -21.09
C ALA F 73 10.71 53.31 -20.37
N SER F 74 9.99 52.79 -19.40
CA SER F 74 10.56 51.83 -18.48
C SER F 74 9.48 51.04 -17.77
N ALA F 75 9.51 49.71 -17.93
CA ALA F 75 8.49 48.85 -17.36
C ALA F 75 9.04 48.01 -16.21
N ARG F 76 8.18 47.74 -15.21
CA ARG F 76 8.51 46.88 -14.08
C ARG F 76 7.76 45.57 -14.20
N CYS F 77 8.47 44.46 -14.03
CA CYS F 77 7.97 43.15 -14.44
C CYS F 77 8.12 42.13 -13.33
N CYS F 78 7.03 41.44 -12.98
CA CYS F 78 7.09 40.38 -12.00
C CYS F 78 6.54 39.07 -12.52
N ARG F 79 7.38 38.06 -12.41
CA ARG F 79 6.94 36.70 -12.54
C ARG F 79 6.82 36.14 -11.15
N MET F 80 6.14 35.00 -11.07
CA MET F 80 6.04 34.21 -9.86
C MET F 80 7.08 33.11 -10.08
N ALA F 81 8.05 33.05 -9.17
CA ALA F 81 9.22 32.18 -9.35
C ALA F 81 9.71 31.68 -8.00
PT PT G . -2.11 -38.28 20.65
PT PT H . 7.74 -41.55 0.74
O1 P6G I . 17.13 -54.57 8.23
C2 P6G I . 17.53 -55.94 8.41
C3 P6G I . 16.40 -56.91 8.08
O4 P6G I . 16.76 -58.26 8.42
C5 P6G I . 15.81 -58.99 9.21
C6 P6G I . 14.94 -59.91 8.36
O7 P6G I . 14.23 -60.87 9.17
C8 P6G I . 14.80 -62.19 9.27
C9 P6G I . 14.87 -62.62 10.75
O10 P6G I . 15.90 -63.56 11.04
C11 P6G I . 15.57 -64.93 10.75
C12 P6G I . 16.84 -65.65 10.29
O13 P6G I . 17.34 -66.53 11.31
PT PT J . -15.25 -40.78 2.31
O1 P6G K . -17.30 -48.01 9.36
C2 P6G K . -18.67 -48.42 9.48
C3 P6G K . -18.78 -49.91 9.78
O4 P6G K . -17.98 -50.26 10.92
C5 P6G K . -17.04 -51.33 10.71
C6 P6G K . -17.71 -52.68 10.95
O7 P6G K . -16.72 -53.72 10.99
C8 P6G K . -17.28 -54.98 11.35
C9 P6G K . -16.22 -56.07 11.30
O10 P6G K . -16.72 -57.28 10.73
C11 P6G K . -16.39 -58.45 11.50
C12 P6G K . -16.97 -59.70 10.85
O13 P6G K . -17.25 -60.67 11.87
PT PT L . 7.34 43.01 4.65
PT PT M . -9.72 41.24 -10.18
PT PT N . 10.63 36.01 -16.35
#